data_4B4U
#
_entry.id   4B4U
#
_cell.length_a   55.036
_cell.length_b   80.126
_cell.length_c   68.620
_cell.angle_alpha   90.00
_cell.angle_beta   107.11
_cell.angle_gamma   90.00
#
_symmetry.space_group_name_H-M   'P 1 21 1'
#
loop_
_entity.id
_entity.type
_entity.pdbx_description
1 polymer 'BIFUNCTIONAL PROTEIN FOLD'
2 non-polymer 'NADP NICOTINAMIDE-ADENINE-DINUCLEOTIDE PHOSPHATE'
3 non-polymer 'CHLORIDE ION'
4 non-polymer 1,2-ETHANEDIOL
5 non-polymer DI(HYDROXYETHYL)ETHER
6 water water
#
_entity_poly.entity_id   1
_entity_poly.type   'polypeptide(L)'
_entity_poly.pdbx_seq_one_letter_code
;MGSSHHHHHHSSGENLYFQGHMALVLDGRALAKQIEENLLVRVEALKAKTGRTPILATILVGDDGASATYVRMKGNACRR
VGMDSLKIELPQETTTEQLLAEIEKLNANPDVHGILLQHPVPAQIDERACFDAISLAKDVDGVTCLGFGRMAMGEAAYGS
ATPAGIMTILKENNIEIAGKHAVVVGRSAILGKPMAMMLLQANATVTICHSRTQNLPELVKQADIIVGAVGKAELIQKDW
IKQGAVVVDAGFHPRDGGGVGDIQLQGIEEIASAYTPVPGGVGPMTITTLIRQTVEAAEKALG
;
_entity_poly.pdbx_strand_id   A,B
#
loop_
_chem_comp.id
_chem_comp.type
_chem_comp.name
_chem_comp.formula
CL non-polymer 'CHLORIDE ION' 'Cl -1'
EDO non-polymer 1,2-ETHANEDIOL 'C2 H6 O2'
NAP non-polymer 'NADP NICOTINAMIDE-ADENINE-DINUCLEOTIDE PHOSPHATE' 'C21 H28 N7 O17 P3'
PEG non-polymer DI(HYDROXYETHYL)ETHER 'C4 H10 O3'
#
# COMPACT_ATOMS: atom_id res chain seq x y z
N MET A 22 -2.72 33.87 12.35
CA MET A 22 -3.11 34.06 10.94
C MET A 22 -3.68 32.74 10.40
N ALA A 23 -3.23 31.62 10.96
CA ALA A 23 -3.64 30.32 10.49
C ALA A 23 -5.18 30.09 10.48
N LEU A 24 -5.69 29.43 9.43
CA LEU A 24 -7.05 28.87 9.44
C LEU A 24 -7.10 27.71 10.43
N VAL A 25 -8.04 27.76 11.36
CA VAL A 25 -8.30 26.65 12.24
C VAL A 25 -9.16 25.64 11.49
N LEU A 26 -8.61 24.44 11.34
CA LEU A 26 -9.31 23.32 10.69
C LEU A 26 -10.18 22.68 11.77
N ASP A 27 -11.45 23.09 11.80
CA ASP A 27 -12.35 22.83 12.91
C ASP A 27 -13.08 21.52 12.71
N GLY A 28 -12.52 20.47 13.29
CA GLY A 28 -13.10 19.14 13.17
C GLY A 28 -14.41 18.99 13.92
N ARG A 29 -14.53 19.67 15.05
CA ARG A 29 -15.77 19.62 15.82
C ARG A 29 -16.92 20.15 15.01
N ALA A 30 -16.73 21.32 14.42
CA ALA A 30 -17.79 21.93 13.63
C ALA A 30 -18.15 21.09 12.41
N LEU A 31 -17.14 20.55 11.74
CA LEU A 31 -17.38 19.74 10.56
C LEU A 31 -18.10 18.45 10.90
N ALA A 32 -17.71 17.82 12.00
CA ALA A 32 -18.42 16.63 12.47
C ALA A 32 -19.90 16.90 12.70
N LYS A 33 -20.21 17.98 13.40
CA LYS A 33 -21.60 18.37 13.66
C LYS A 33 -22.36 18.56 12.36
N GLN A 34 -21.74 19.24 11.41
CA GLN A 34 -22.37 19.51 10.11
C GLN A 34 -22.70 18.21 9.39
N ILE A 35 -21.74 17.32 9.37
CA ILE A 35 -21.89 16.07 8.66
C ILE A 35 -22.96 15.20 9.32
N GLU A 36 -22.97 15.19 10.65
CA GLU A 36 -23.96 14.39 11.36
C GLU A 36 -25.40 14.81 11.02
N GLU A 37 -25.64 16.08 10.70
CA GLU A 37 -26.99 16.53 10.35
C GLU A 37 -27.57 15.69 9.21
N ASN A 38 -26.82 15.55 8.12
CA ASN A 38 -27.38 14.79 6.98
CA ASN A 38 -27.24 14.82 6.95
C ASN A 38 -27.27 13.30 7.20
N LEU A 39 -26.32 12.83 8.02
CA LEU A 39 -26.33 11.40 8.37
C LEU A 39 -27.62 11.04 9.09
N LEU A 40 -28.06 11.88 10.02
CA LEU A 40 -29.31 11.63 10.72
C LEU A 40 -30.50 11.57 9.75
N VAL A 41 -30.56 12.52 8.82
CA VAL A 41 -31.61 12.49 7.78
C VAL A 41 -31.61 11.15 7.03
N ARG A 42 -30.43 10.73 6.60
CA ARG A 42 -30.28 9.48 5.87
C ARG A 42 -30.70 8.27 6.68
N VAL A 43 -30.28 8.23 7.94
CA VAL A 43 -30.64 7.10 8.77
C VAL A 43 -32.15 7.05 9.07
N GLU A 44 -32.73 8.20 9.37
CA GLU A 44 -34.16 8.24 9.61
CA GLU A 44 -34.18 8.28 9.59
C GLU A 44 -34.94 7.82 8.36
N ALA A 45 -34.47 8.21 7.17
CA ALA A 45 -35.12 7.77 5.92
C ALA A 45 -35.01 6.25 5.75
N LEU A 46 -33.84 5.71 6.03
CA LEU A 46 -33.61 4.28 5.93
C LEU A 46 -34.47 3.47 6.90
N LYS A 47 -34.58 3.94 8.14
CA LYS A 47 -35.41 3.26 9.15
C LYS A 47 -36.88 3.30 8.75
N ALA A 48 -37.32 4.44 8.22
CA ALA A 48 -38.73 4.60 7.84
C ALA A 48 -39.05 3.65 6.70
N LYS A 49 -38.12 3.51 5.77
CA LYS A 49 -38.31 2.67 4.57
C LYS A 49 -38.31 1.18 4.91
N THR A 50 -37.36 0.76 5.75
CA THR A 50 -37.06 -0.66 5.94
C THR A 50 -37.58 -1.23 7.26
N GLY A 51 -37.85 -0.36 8.23
CA GLY A 51 -38.22 -0.79 9.59
C GLY A 51 -37.06 -1.38 10.37
N ARG A 52 -35.85 -1.18 9.90
CA ARG A 52 -34.66 -1.74 10.56
C ARG A 52 -33.69 -0.63 10.97
N THR A 53 -33.09 -0.83 12.13
CA THR A 53 -32.13 0.14 12.66
C THR A 53 -30.70 -0.30 12.30
N PRO A 54 -29.92 0.61 11.73
CA PRO A 54 -28.52 0.27 11.46
C PRO A 54 -27.78 0.01 12.76
N ILE A 55 -26.89 -0.99 12.76
CA ILE A 55 -26.14 -1.35 13.95
C ILE A 55 -24.65 -1.42 13.65
N LEU A 56 -23.90 -0.72 14.48
CA LEU A 56 -22.46 -0.88 14.57
C LEU A 56 -22.13 -1.76 15.75
N ALA A 57 -21.47 -2.90 15.50
CA ALA A 57 -20.90 -3.69 16.58
C ALA A 57 -19.57 -3.08 16.98
N THR A 58 -19.40 -2.79 18.27
CA THR A 58 -18.14 -2.33 18.80
C THR A 58 -17.54 -3.41 19.68
N ILE A 59 -16.24 -3.66 19.49
CA ILE A 59 -15.54 -4.69 20.24
C ILE A 59 -14.46 -4.04 21.09
N LEU A 60 -14.66 -4.11 22.41
CA LEU A 60 -13.71 -3.62 23.40
C LEU A 60 -13.12 -4.84 24.09
N VAL A 61 -11.82 -5.01 23.98
CA VAL A 61 -11.15 -6.18 24.53
C VAL A 61 -10.24 -5.71 25.67
N GLY A 62 -10.56 -6.12 26.90
CA GLY A 62 -9.75 -5.77 28.04
C GLY A 62 -10.03 -4.43 28.68
N ASP A 63 -9.05 -3.95 29.44
CA ASP A 63 -9.26 -2.95 30.49
C ASP A 63 -8.65 -1.57 30.21
N ASP A 64 -8.16 -1.31 29.00
CA ASP A 64 -7.58 -0.01 28.71
C ASP A 64 -8.65 1.07 28.85
N GLY A 65 -8.36 2.07 29.67
CA GLY A 65 -9.33 3.14 29.96
C GLY A 65 -9.65 4.02 28.77
N ALA A 66 -8.62 4.40 28.02
CA ALA A 66 -8.80 5.24 26.84
C ALA A 66 -9.65 4.50 25.80
N SER A 67 -9.37 3.22 25.61
CA SER A 67 -10.16 2.44 24.68
C SER A 67 -11.64 2.42 25.03
N ALA A 68 -11.95 2.24 26.32
CA ALA A 68 -13.34 2.24 26.80
C ALA A 68 -14.00 3.58 26.50
N THR A 69 -13.28 4.66 26.73
CA THR A 69 -13.82 5.99 26.45
C THR A 69 -14.11 6.20 24.96
N TYR A 70 -13.17 5.80 24.12
CA TYR A 70 -13.31 5.95 22.68
C TYR A 70 -14.51 5.14 22.17
N VAL A 71 -14.67 3.91 22.65
CA VAL A 71 -15.80 3.08 22.24
C VAL A 71 -17.13 3.73 22.64
N ARG A 72 -17.20 4.29 23.85
CA ARG A 72 -18.43 4.94 24.29
C ARG A 72 -18.73 6.16 23.41
N MET A 73 -17.69 6.94 23.10
CA MET A 73 -17.86 8.08 22.22
C MET A 73 -18.40 7.68 20.85
N LYS A 74 -17.93 6.53 20.37
CA LYS A 74 -18.35 6.03 19.08
C LYS A 74 -19.79 5.54 19.12
N GLY A 75 -20.17 4.84 20.18
CA GLY A 75 -21.55 4.45 20.38
C GLY A 75 -22.47 5.65 20.50
N ASN A 76 -22.01 6.69 21.20
CA ASN A 76 -22.83 7.89 21.36
C ASN A 76 -23.07 8.56 20.00
N ALA A 77 -22.03 8.60 19.15
CA ALA A 77 -22.12 9.17 17.82
C ALA A 77 -23.12 8.40 16.97
N CYS A 78 -23.07 7.08 17.08
CA CYS A 78 -24.06 6.22 16.40
CA CYS A 78 -24.02 6.19 16.46
C CYS A 78 -25.46 6.64 16.78
N ARG A 79 -25.71 6.82 18.06
CA ARG A 79 -27.03 7.15 18.53
C ARG A 79 -27.48 8.54 18.12
N ARG A 80 -26.53 9.48 18.06
CA ARG A 80 -26.84 10.85 17.62
C ARG A 80 -27.37 10.90 16.20
N VAL A 81 -26.99 9.94 15.37
CA VAL A 81 -27.47 9.93 13.99
C VAL A 81 -28.55 8.86 13.76
N GLY A 82 -29.15 8.34 14.84
CA GLY A 82 -30.29 7.46 14.77
C GLY A 82 -30.01 5.98 14.65
N MET A 83 -28.75 5.60 14.73
CA MET A 83 -28.34 4.21 14.69
C MET A 83 -28.21 3.70 16.11
N ASP A 84 -27.86 2.43 16.26
CA ASP A 84 -27.59 1.86 17.57
C ASP A 84 -26.27 1.09 17.49
N SER A 85 -25.72 0.76 18.64
CA SER A 85 -24.55 -0.09 18.70
C SER A 85 -24.89 -1.44 19.34
N LEU A 86 -24.10 -2.44 18.98
CA LEU A 86 -24.05 -3.72 19.68
C LEU A 86 -22.73 -3.74 20.44
N LYS A 87 -22.80 -3.66 21.75
CA LYS A 87 -21.61 -3.53 22.60
C LYS A 87 -21.06 -4.91 22.96
N ILE A 88 -19.91 -5.23 22.39
CA ILE A 88 -19.20 -6.46 22.70
C ILE A 88 -18.02 -6.10 23.59
N GLU A 89 -17.98 -6.71 24.78
CA GLU A 89 -16.89 -6.51 25.72
C GLU A 89 -16.30 -7.86 26.08
N LEU A 90 -14.99 -8.01 25.84
CA LEU A 90 -14.29 -9.26 26.06
C LEU A 90 -13.16 -9.02 27.06
N PRO A 91 -12.79 -10.06 27.80
CA PRO A 91 -11.81 -9.87 28.88
C PRO A 91 -10.37 -9.63 28.41
N GLN A 92 -9.56 -9.07 29.31
CA GLN A 92 -8.17 -8.77 29.03
C GLN A 92 -7.39 -9.97 28.48
N GLU A 93 -7.72 -11.17 28.97
CA GLU A 93 -6.98 -12.39 28.62
C GLU A 93 -7.54 -13.13 27.40
N THR A 94 -8.45 -12.50 26.68
CA THR A 94 -8.94 -13.02 25.41
C THR A 94 -7.78 -13.39 24.48
N THR A 95 -7.91 -14.55 23.83
CA THR A 95 -6.91 -15.03 22.89
C THR A 95 -7.28 -14.65 21.46
N THR A 96 -6.29 -14.74 20.59
CA THR A 96 -6.50 -14.49 19.17
C THR A 96 -7.65 -15.35 18.64
N GLU A 97 -7.60 -16.64 18.93
CA GLU A 97 -8.65 -17.57 18.50
C GLU A 97 -10.04 -17.13 18.94
N GLN A 98 -10.15 -16.69 20.18
CA GLN A 98 -11.44 -16.28 20.73
C GLN A 98 -11.95 -15.01 20.05
N LEU A 99 -11.06 -14.07 19.82
CA LEU A 99 -11.46 -12.84 19.14
C LEU A 99 -11.85 -13.11 17.69
N LEU A 100 -11.09 -13.95 16.98
CA LEU A 100 -11.47 -14.32 15.62
C LEU A 100 -12.87 -14.95 15.59
N ALA A 101 -13.15 -15.81 16.55
CA ALA A 101 -14.46 -16.47 16.61
C ALA A 101 -15.58 -15.44 16.78
N GLU A 102 -15.35 -14.43 17.63
CA GLU A 102 -16.32 -13.37 17.86
C GLU A 102 -16.54 -12.55 16.60
N ILE A 103 -15.46 -12.21 15.91
CA ILE A 103 -15.57 -11.46 14.65
C ILE A 103 -16.34 -12.25 13.60
N GLU A 104 -16.09 -13.55 13.52
CA GLU A 104 -16.82 -14.35 12.55
C GLU A 104 -18.32 -14.42 12.86
N LYS A 105 -18.69 -14.50 14.13
CA LYS A 105 -20.09 -14.44 14.52
C LYS A 105 -20.69 -13.12 14.01
N LEU A 106 -19.99 -12.01 14.22
CA LEU A 106 -20.49 -10.70 13.80
C LEU A 106 -20.60 -10.59 12.28
N ASN A 107 -19.64 -11.13 11.56
CA ASN A 107 -19.67 -11.13 10.09
C ASN A 107 -20.94 -11.79 9.55
N ALA A 108 -21.37 -12.85 10.23
CA ALA A 108 -22.50 -13.68 9.79
C ALA A 108 -23.81 -13.26 10.45
N ASN A 109 -23.80 -12.16 11.20
CA ASN A 109 -24.99 -11.68 11.90
C ASN A 109 -25.62 -10.62 11.01
N PRO A 110 -26.79 -10.93 10.41
CA PRO A 110 -27.37 -9.98 9.45
C PRO A 110 -27.92 -8.71 10.09
N ASP A 111 -27.98 -8.67 11.42
CA ASP A 111 -28.44 -7.47 12.11
C ASP A 111 -27.32 -6.46 12.38
N VAL A 112 -26.07 -6.85 12.08
CA VAL A 112 -24.89 -6.02 12.31
C VAL A 112 -24.39 -5.52 10.94
N HIS A 113 -24.28 -4.21 10.76
CA HIS A 113 -23.88 -3.64 9.47
C HIS A 113 -22.43 -3.22 9.39
N GLY A 114 -21.84 -2.90 10.53
CA GLY A 114 -20.44 -2.54 10.63
C GLY A 114 -19.83 -3.14 11.86
N ILE A 115 -18.52 -3.41 11.79
CA ILE A 115 -17.77 -3.93 12.93
C ILE A 115 -16.56 -3.03 13.19
N LEU A 116 -16.45 -2.56 14.44
CA LEU A 116 -15.28 -1.85 14.95
C LEU A 116 -14.59 -2.73 15.99
N LEU A 117 -13.30 -2.99 15.78
CA LEU A 117 -12.43 -3.52 16.81
C LEU A 117 -11.57 -2.37 17.32
N GLN A 118 -11.75 -2.03 18.59
CA GLN A 118 -11.01 -0.88 19.14
C GLN A 118 -9.54 -1.23 19.42
N HIS A 119 -8.63 -0.50 18.78
CA HIS A 119 -7.18 -0.65 18.95
C HIS A 119 -6.75 0.20 20.13
N PRO A 120 -5.71 -0.22 20.86
CA PRO A 120 -4.94 -1.43 20.72
C PRO A 120 -5.45 -2.55 21.60
N VAL A 121 -5.64 -3.72 21.02
CA VAL A 121 -6.10 -4.86 21.79
C VAL A 121 -4.95 -5.37 22.69
N PRO A 122 -5.28 -6.17 23.70
CA PRO A 122 -4.24 -6.73 24.57
C PRO A 122 -3.10 -7.40 23.77
N ALA A 123 -1.88 -7.29 24.30
CA ALA A 123 -0.67 -7.62 23.54
C ALA A 123 -0.57 -9.06 23.04
N GLN A 124 -1.20 -10.00 23.75
CA GLN A 124 -1.15 -11.41 23.37
C GLN A 124 -1.97 -11.74 22.12
N ILE A 125 -2.82 -10.79 21.70
CA ILE A 125 -3.65 -10.98 20.52
C ILE A 125 -2.94 -10.52 19.24
N ASP A 126 -3.05 -11.31 18.19
CA ASP A 126 -2.56 -10.93 16.87
C ASP A 126 -3.59 -9.98 16.28
N GLU A 127 -3.40 -8.69 16.55
CA GLU A 127 -4.39 -7.67 16.15
C GLU A 127 -4.59 -7.65 14.64
N ARG A 128 -3.51 -7.74 13.89
CA ARG A 128 -3.60 -7.74 12.43
C ARG A 128 -4.45 -8.92 11.94
N ALA A 129 -4.26 -10.10 12.49
CA ALA A 129 -5.07 -11.26 12.09
C ALA A 129 -6.55 -10.99 12.34
N CYS A 130 -6.83 -10.32 13.45
CA CYS A 130 -8.22 -10.06 13.83
C CYS A 130 -8.83 -8.96 12.96
N PHE A 131 -8.09 -7.88 12.75
CA PHE A 131 -8.53 -6.87 11.78
C PHE A 131 -8.89 -7.53 10.43
N ASP A 132 -8.01 -8.41 9.95
CA ASP A 132 -8.18 -9.00 8.64
C ASP A 132 -9.35 -9.97 8.58
N ALA A 133 -9.86 -10.38 9.72
CA ALA A 133 -11.02 -11.27 9.76
C ALA A 133 -12.33 -10.54 9.53
N ILE A 134 -12.34 -9.22 9.72
CA ILE A 134 -13.56 -8.44 9.53
C ILE A 134 -13.92 -8.45 8.04
N SER A 135 -15.17 -8.73 7.72
CA SER A 135 -15.54 -8.76 6.31
CA SER A 135 -15.62 -8.76 6.33
C SER A 135 -15.43 -7.38 5.70
N LEU A 136 -15.05 -7.35 4.42
CA LEU A 136 -14.86 -6.09 3.75
C LEU A 136 -16.13 -5.23 3.84
N ALA A 137 -17.30 -5.87 3.69
CA ALA A 137 -18.57 -5.15 3.69
C ALA A 137 -18.84 -4.50 5.02
N LYS A 138 -18.26 -5.05 6.10
CA LYS A 138 -18.49 -4.51 7.44
C LYS A 138 -17.28 -3.74 8.00
N ASP A 139 -16.25 -3.53 7.19
CA ASP A 139 -15.01 -2.93 7.65
C ASP A 139 -15.09 -1.39 7.67
N VAL A 140 -16.01 -0.88 8.47
CA VAL A 140 -16.39 0.52 8.48
C VAL A 140 -15.36 1.41 9.14
N ASP A 141 -14.43 0.82 9.90
CA ASP A 141 -13.28 1.56 10.41
C ASP A 141 -12.07 1.51 9.47
N GLY A 142 -12.18 0.73 8.40
CA GLY A 142 -11.12 0.63 7.41
C GLY A 142 -9.81 0.02 7.87
N VAL A 143 -9.88 -1.09 8.58
CA VAL A 143 -8.70 -1.74 9.14
C VAL A 143 -8.18 -2.97 8.41
N THR A 144 -8.92 -3.50 7.45
CA THR A 144 -8.49 -4.73 6.81
C THR A 144 -7.34 -4.49 5.82
N CYS A 145 -6.50 -5.50 5.67
CA CYS A 145 -5.46 -5.47 4.61
CA CYS A 145 -5.50 -5.56 4.64
C CYS A 145 -6.07 -5.32 3.23
N LEU A 146 -7.16 -6.04 2.98
CA LEU A 146 -7.82 -5.98 1.69
C LEU A 146 -8.33 -4.57 1.43
N GLY A 147 -8.97 -3.97 2.43
CA GLY A 147 -9.45 -2.59 2.28
C GLY A 147 -8.35 -1.60 2.02
N PHE A 148 -7.22 -1.78 2.72
CA PHE A 148 -6.07 -0.91 2.50
C PHE A 148 -5.56 -1.05 1.05
N GLY A 149 -5.41 -2.29 0.61
CA GLY A 149 -4.90 -2.54 -0.73
C GLY A 149 -5.83 -2.00 -1.80
N ARG A 150 -7.13 -2.21 -1.61
CA ARG A 150 -8.12 -1.66 -2.52
C ARG A 150 -8.05 -0.14 -2.58
N MET A 151 -8.04 0.50 -1.42
CA MET A 151 -7.90 1.95 -1.37
C MET A 151 -6.65 2.41 -2.09
N ALA A 152 -5.53 1.75 -1.82
CA ALA A 152 -4.24 2.16 -2.39
C ALA A 152 -4.25 2.09 -3.91
N MET A 153 -5.06 1.19 -4.46
CA MET A 153 -5.13 0.98 -5.91
CA MET A 153 -5.11 0.98 -5.91
C MET A 153 -6.35 1.65 -6.53
N GLY A 154 -7.06 2.46 -5.75
CA GLY A 154 -8.20 3.23 -6.29
C GLY A 154 -9.51 2.51 -6.40
N GLU A 155 -9.60 1.34 -5.78
CA GLU A 155 -10.82 0.56 -5.78
C GLU A 155 -11.65 0.96 -4.55
N ALA A 156 -12.96 0.75 -4.64
CA ALA A 156 -13.87 1.12 -3.57
C ALA A 156 -13.61 0.31 -2.33
N ALA A 157 -13.52 1.00 -1.19
CA ALA A 157 -13.40 0.37 0.11
C ALA A 157 -13.59 1.43 1.18
N TYR A 158 -14.06 1.03 2.34
CA TYR A 158 -14.09 1.97 3.45
C TYR A 158 -12.66 2.30 3.84
N GLY A 159 -12.41 3.58 4.05
CA GLY A 159 -11.06 4.05 4.39
C GLY A 159 -10.80 3.99 5.88
N SER A 160 -9.54 3.81 6.26
CA SER A 160 -9.20 3.89 7.68
CA SER A 160 -9.15 3.90 7.66
C SER A 160 -9.71 5.22 8.22
N ALA A 161 -10.42 5.14 9.33
CA ALA A 161 -11.22 6.26 9.79
C ALA A 161 -10.41 7.54 10.00
N THR A 162 -9.29 7.46 10.70
CA THR A 162 -8.53 8.69 11.01
C THR A 162 -7.99 9.37 9.75
N PRO A 163 -7.26 8.63 8.89
CA PRO A 163 -6.78 9.34 7.70
C PRO A 163 -7.87 9.79 6.73
N ALA A 164 -8.95 9.00 6.60
CA ALA A 164 -10.07 9.42 5.78
C ALA A 164 -10.70 10.69 6.35
N GLY A 165 -10.79 10.79 7.66
CA GLY A 165 -11.30 11.99 8.30
C GLY A 165 -10.43 13.20 8.02
N ILE A 166 -9.13 12.98 8.01
CA ILE A 166 -8.21 14.04 7.71
C ILE A 166 -8.40 14.52 6.27
N MET A 167 -8.53 13.59 5.33
CA MET A 167 -8.80 13.99 3.95
C MET A 167 -10.07 14.83 3.86
N THR A 168 -11.11 14.44 4.59
CA THR A 168 -12.35 15.20 4.58
C THR A 168 -12.14 16.60 5.13
N ILE A 169 -11.38 16.72 6.22
CA ILE A 169 -11.10 18.05 6.78
C ILE A 169 -10.38 18.90 5.74
N LEU A 170 -9.37 18.34 5.09
CA LEU A 170 -8.61 19.12 4.11
C LEU A 170 -9.49 19.56 2.95
N LYS A 171 -10.30 18.63 2.42
CA LYS A 171 -11.14 18.95 1.29
CA LYS A 171 -11.16 18.96 1.28
C LYS A 171 -12.24 19.97 1.62
N GLU A 172 -12.87 19.82 2.77
CA GLU A 172 -13.95 20.72 3.16
C GLU A 172 -13.45 22.14 3.44
N ASN A 173 -12.17 22.25 3.77
CA ASN A 173 -11.51 23.53 4.01
C ASN A 173 -10.73 24.04 2.81
N ASN A 174 -10.93 23.39 1.67
CA ASN A 174 -10.39 23.86 0.38
C ASN A 174 -8.86 23.92 0.39
N ILE A 175 -8.24 22.96 1.06
CA ILE A 175 -6.80 22.90 1.15
C ILE A 175 -6.23 22.28 -0.13
N GLU A 176 -5.29 22.98 -0.74
CA GLU A 176 -4.61 22.51 -1.94
C GLU A 176 -3.66 21.38 -1.57
N ILE A 177 -3.83 20.23 -2.22
CA ILE A 177 -2.99 19.06 -1.97
C ILE A 177 -2.13 18.69 -3.17
N ALA A 178 -2.70 18.78 -4.37
CA ALA A 178 -2.00 18.36 -5.57
C ALA A 178 -0.72 19.15 -5.75
N GLY A 179 0.37 18.43 -6.00
CA GLY A 179 1.66 19.06 -6.22
C GLY A 179 2.43 19.48 -4.98
N LYS A 180 1.78 19.42 -3.81
CA LYS A 180 2.41 19.79 -2.57
C LYS A 180 3.26 18.62 -2.07
N HIS A 181 4.28 18.94 -1.31
CA HIS A 181 5.13 17.93 -0.67
C HIS A 181 4.53 17.63 0.69
N ALA A 182 3.91 16.46 0.81
CA ALA A 182 3.38 16.01 2.08
C ALA A 182 4.39 15.13 2.78
N VAL A 183 4.55 15.32 4.10
CA VAL A 183 5.38 14.48 4.93
C VAL A 183 4.51 13.90 6.03
N VAL A 184 4.47 12.57 6.08
CA VAL A 184 3.73 11.82 7.09
C VAL A 184 4.78 11.25 8.02
N VAL A 185 4.71 11.64 9.28
CA VAL A 185 5.65 11.15 10.29
C VAL A 185 4.92 10.09 11.09
N GLY A 186 5.34 8.84 10.87
CA GLY A 186 4.65 7.65 11.34
C GLY A 186 4.16 6.80 10.17
N ARG A 187 4.20 5.49 10.34
CA ARG A 187 3.87 4.56 9.26
C ARG A 187 3.03 3.39 9.76
N SER A 188 2.19 3.63 10.77
CA SER A 188 1.38 2.54 11.29
C SER A 188 0.38 2.06 10.24
N ALA A 189 0.00 0.79 10.40
CA ALA A 189 -0.90 0.15 9.45
C ALA A 189 -2.25 0.83 9.36
N ILE A 190 -2.72 1.41 10.48
CA ILE A 190 -4.05 2.01 10.50
C ILE A 190 -4.05 3.53 10.43
N LEU A 191 -2.87 4.14 10.46
CA LEU A 191 -2.79 5.59 10.41
C LEU A 191 -1.77 6.08 9.36
N GLY A 192 -0.48 6.00 9.63
CA GLY A 192 0.50 6.61 8.74
C GLY A 192 0.51 6.03 7.32
N LYS A 193 0.45 4.72 7.20
CA LYS A 193 0.45 4.12 5.86
C LYS A 193 -0.79 4.50 5.02
N PRO A 194 -2.01 4.33 5.56
CA PRO A 194 -3.15 4.80 4.77
C PRO A 194 -3.15 6.31 4.53
N MET A 195 -2.67 7.10 5.51
CA MET A 195 -2.59 8.54 5.31
C MET A 195 -1.73 8.86 4.08
N ALA A 196 -0.59 8.19 4.00
CA ALA A 196 0.33 8.38 2.91
C ALA A 196 -0.31 8.05 1.58
N MET A 197 -0.99 6.91 1.51
CA MET A 197 -1.60 6.49 0.26
CA MET A 197 -1.63 6.47 0.26
C MET A 197 -2.75 7.41 -0.14
N MET A 198 -3.51 7.91 0.84
CA MET A 198 -4.60 8.82 0.53
C MET A 198 -4.07 10.17 0.01
N LEU A 199 -2.99 10.66 0.60
CA LEU A 199 -2.42 11.92 0.10
C LEU A 199 -1.82 11.74 -1.29
N LEU A 200 -1.24 10.58 -1.54
CA LEU A 200 -0.70 10.26 -2.86
C LEU A 200 -1.78 10.25 -3.93
N GLN A 201 -2.92 9.66 -3.60
CA GLN A 201 -4.07 9.64 -4.52
CA GLN A 201 -4.06 9.66 -4.53
C GLN A 201 -4.56 11.05 -4.83
N ALA A 202 -4.42 11.97 -3.87
CA ALA A 202 -4.77 13.39 -4.03
C ALA A 202 -3.65 14.19 -4.71
N ASN A 203 -2.65 13.47 -5.21
CA ASN A 203 -1.56 14.03 -6.02
C ASN A 203 -0.53 14.85 -5.28
N ALA A 204 -0.47 14.69 -3.95
CA ALA A 204 0.70 15.13 -3.20
C ALA A 204 1.90 14.25 -3.56
N THR A 205 3.09 14.84 -3.49
CA THR A 205 4.32 14.06 -3.39
C THR A 205 4.46 13.67 -1.91
N VAL A 206 4.68 12.40 -1.61
CA VAL A 206 4.58 11.94 -0.23
C VAL A 206 5.87 11.34 0.26
N THR A 207 6.35 11.84 1.39
CA THR A 207 7.48 11.25 2.11
C THR A 207 6.98 10.67 3.42
N ILE A 208 7.34 9.41 3.65
CA ILE A 208 6.93 8.67 4.84
C ILE A 208 8.15 8.49 5.71
N CYS A 209 8.03 8.97 6.95
CA CYS A 209 9.09 8.94 7.94
C CYS A 209 8.68 8.07 9.12
N HIS A 210 9.68 7.67 9.91
CA HIS A 210 9.47 6.76 11.01
C HIS A 210 10.67 6.81 11.93
N SER A 211 10.74 5.89 12.88
CA SER A 211 11.76 5.95 13.90
C SER A 211 13.19 5.75 13.40
N ARG A 212 13.34 5.21 12.20
CA ARG A 212 14.67 5.06 11.60
C ARG A 212 15.04 6.15 10.60
N THR A 213 14.20 7.18 10.48
CA THR A 213 14.50 8.32 9.64
C THR A 213 15.63 9.15 10.26
N GLN A 214 16.60 9.46 9.42
CA GLN A 214 17.69 10.36 9.72
C GLN A 214 17.27 11.73 9.17
N ASN A 215 17.67 12.77 9.86
CA ASN A 215 17.36 14.12 9.42
C ASN A 215 15.85 14.38 9.39
N LEU A 216 15.10 13.87 10.37
CA LEU A 216 13.67 14.16 10.45
C LEU A 216 13.38 15.67 10.45
N PRO A 217 14.13 16.48 11.24
CA PRO A 217 13.78 17.90 11.21
C PRO A 217 13.88 18.52 9.83
N GLU A 218 14.92 18.13 9.08
CA GLU A 218 15.19 18.55 7.70
CA GLU A 218 15.09 18.70 7.76
C GLU A 218 13.99 18.27 6.80
N LEU A 219 13.52 17.04 6.90
CA LEU A 219 12.40 16.58 6.07
C LEU A 219 11.11 17.30 6.44
N VAL A 220 10.83 17.44 7.74
CA VAL A 220 9.66 18.18 8.18
C VAL A 220 9.69 19.62 7.69
N LYS A 221 10.86 20.24 7.70
CA LYS A 221 11.02 21.64 7.28
CA LYS A 221 10.97 21.65 7.28
C LYS A 221 10.65 21.86 5.81
N GLN A 222 10.73 20.80 5.01
CA GLN A 222 10.35 20.89 3.61
C GLN A 222 8.87 20.54 3.36
N ALA A 223 8.13 20.16 4.41
CA ALA A 223 6.73 19.76 4.24
C ALA A 223 5.76 20.93 4.03
N ASP A 224 5.08 20.94 2.90
CA ASP A 224 3.94 21.82 2.70
C ASP A 224 2.72 21.37 3.51
N ILE A 225 2.59 20.06 3.70
CA ILE A 225 1.56 19.41 4.51
C ILE A 225 2.31 18.46 5.42
N ILE A 226 2.15 18.61 6.72
CA ILE A 226 2.82 17.77 7.70
C ILE A 226 1.75 17.07 8.51
N VAL A 227 1.85 15.74 8.58
CA VAL A 227 0.95 14.94 9.41
C VAL A 227 1.72 14.26 10.52
N GLY A 228 1.37 14.59 11.75
CA GLY A 228 1.99 13.97 12.91
C GLY A 228 1.21 12.74 13.35
N ALA A 229 1.84 11.57 13.24
CA ALA A 229 1.19 10.28 13.49
C ALA A 229 2.16 9.36 14.23
N VAL A 230 2.79 9.91 15.26
CA VAL A 230 3.83 9.19 16.02
C VAL A 230 3.42 8.66 17.40
N GLY A 231 2.34 9.19 17.96
CA GLY A 231 1.93 8.79 19.29
C GLY A 231 2.92 9.13 20.40
N LYS A 232 3.59 10.27 20.26
CA LYS A 232 4.50 10.80 21.28
C LYS A 232 4.27 12.28 21.40
N ALA A 233 3.95 12.71 22.62
CA ALA A 233 3.51 14.08 22.87
C ALA A 233 4.51 15.12 22.38
N GLU A 234 4.03 15.99 21.50
CA GLU A 234 4.77 17.14 21.01
C GLU A 234 6.16 16.78 20.48
N LEU A 235 6.27 15.61 19.88
CA LEU A 235 7.56 15.21 19.27
C LEU A 235 7.97 16.14 18.15
N ILE A 236 7.03 16.46 17.27
CA ILE A 236 7.32 17.31 16.14
C ILE A 236 7.39 18.74 16.63
N GLN A 237 8.57 19.34 16.49
CA GLN A 237 8.84 20.66 17.01
C GLN A 237 8.32 21.75 16.09
N LYS A 238 7.80 22.80 16.71
CA LYS A 238 7.27 23.95 15.98
C LYS A 238 8.36 24.56 15.09
N ASP A 239 9.59 24.54 15.58
CA ASP A 239 10.71 25.12 14.84
C ASP A 239 11.02 24.36 13.54
N TRP A 240 10.49 23.15 13.39
CA TRP A 240 10.69 22.37 12.17
C TRP A 240 9.66 22.67 11.12
N ILE A 241 8.63 23.44 11.45
CA ILE A 241 7.50 23.63 10.53
C ILE A 241 7.76 24.75 9.53
N LYS A 242 7.51 24.46 8.26
CA LYS A 242 7.64 25.43 7.17
C LYS A 242 6.61 26.55 7.30
N GLN A 243 7.05 27.80 7.08
CA GLN A 243 6.14 28.92 7.05
C GLN A 243 5.09 28.66 5.98
N GLY A 244 3.82 28.74 6.36
CA GLY A 244 2.72 28.50 5.41
C GLY A 244 2.25 27.06 5.31
N ALA A 245 2.89 26.16 6.07
CA ALA A 245 2.49 24.75 6.02
C ALA A 245 1.08 24.52 6.54
N VAL A 246 0.49 23.44 6.04
CA VAL A 246 -0.74 22.90 6.57
C VAL A 246 -0.34 21.82 7.58
N VAL A 247 -0.80 21.98 8.82
CA VAL A 247 -0.32 21.16 9.94
C VAL A 247 -1.46 20.32 10.50
N VAL A 248 -1.30 19.00 10.40
CA VAL A 248 -2.30 18.03 10.84
C VAL A 248 -1.73 17.18 11.96
N ASP A 249 -2.32 17.30 13.15
CA ASP A 249 -1.82 16.62 14.32
C ASP A 249 -2.82 15.53 14.71
N ALA A 250 -2.47 14.28 14.44
CA ALA A 250 -3.34 13.16 14.73
C ALA A 250 -3.12 12.55 16.12
N GLY A 251 -2.30 13.17 16.94
CA GLY A 251 -2.03 12.67 18.28
C GLY A 251 -3.03 13.14 19.32
N PHE A 252 -3.12 12.37 20.40
CA PHE A 252 -3.84 12.85 21.56
C PHE A 252 -3.26 12.21 22.80
N HIS A 253 -2.89 13.08 23.73
CA HIS A 253 -2.24 12.73 24.98
C HIS A 253 -2.90 13.53 26.06
N PRO A 254 -3.68 12.87 26.92
CA PRO A 254 -4.44 13.62 27.93
C PRO A 254 -3.52 14.33 28.91
N ARG A 255 -3.88 15.55 29.28
CA ARG A 255 -3.09 16.35 30.22
C ARG A 255 -4.00 17.28 31.00
N ASP A 256 -3.62 17.62 32.23
CA ASP A 256 -4.46 18.46 33.08
C ASP A 256 -4.56 19.84 32.48
N GLY A 257 -5.79 20.23 32.18
CA GLY A 257 -6.12 21.51 31.56
C GLY A 257 -6.03 21.51 30.05
N GLY A 258 -6.10 20.33 29.44
CA GLY A 258 -6.12 20.21 27.98
C GLY A 258 -5.09 19.25 27.42
N GLY A 259 -5.56 18.26 26.66
CA GLY A 259 -4.67 17.30 25.99
C GLY A 259 -3.83 17.98 24.92
N VAL A 260 -2.72 17.33 24.55
CA VAL A 260 -1.85 17.79 23.48
C VAL A 260 -1.68 16.66 22.48
N GLY A 261 -1.24 17.01 21.28
CA GLY A 261 -1.03 16.02 20.24
C GLY A 261 0.43 15.68 20.06
N ASP A 262 0.76 15.23 18.84
CA ASP A 262 2.12 14.84 18.46
C ASP A 262 2.98 16.00 17.98
N ILE A 263 2.41 17.20 17.87
CA ILE A 263 3.09 18.37 17.36
C ILE A 263 2.99 19.49 18.40
N GLN A 264 4.06 20.26 18.53
CA GLN A 264 4.03 21.48 19.33
C GLN A 264 3.14 22.50 18.62
N LEU A 265 1.97 22.79 19.18
CA LEU A 265 1.05 23.71 18.53
C LEU A 265 0.93 25.09 19.22
N GLN A 266 1.55 25.26 20.38
CA GLN A 266 1.51 26.57 21.03
C GLN A 266 2.27 27.57 20.15
N GLY A 267 1.56 28.54 19.58
CA GLY A 267 2.14 29.49 18.65
C GLY A 267 2.10 29.09 17.19
N ILE A 268 1.48 27.95 16.90
CA ILE A 268 1.44 27.45 15.53
C ILE A 268 0.73 28.41 14.59
N GLU A 269 -0.18 29.24 15.12
CA GLU A 269 -0.96 30.15 14.26
C GLU A 269 -0.11 31.21 13.58
N GLU A 270 1.09 31.42 14.08
CA GLU A 270 2.04 32.35 13.46
C GLU A 270 2.79 31.76 12.29
N ILE A 271 2.72 30.44 12.15
CA ILE A 271 3.55 29.73 11.19
C ILE A 271 2.72 29.06 10.11
N ALA A 272 1.73 28.30 10.56
CA ALA A 272 0.92 27.49 9.65
C ALA A 272 -0.05 28.35 8.85
N SER A 273 -0.34 27.95 7.61
CA SER A 273 -1.49 28.53 6.90
C SER A 273 -2.81 27.97 7.44
N ALA A 274 -2.77 26.73 7.93
CA ALA A 274 -3.96 26.05 8.44
C ALA A 274 -3.49 24.97 9.37
N TYR A 275 -4.23 24.69 10.44
CA TYR A 275 -3.84 23.63 11.36
C TYR A 275 -5.06 23.03 12.04
N THR A 276 -4.91 21.78 12.43
CA THR A 276 -5.90 21.08 13.22
C THR A 276 -5.56 21.29 14.71
N PRO A 277 -6.49 21.89 15.47
CA PRO A 277 -6.24 21.99 16.91
C PRO A 277 -6.31 20.63 17.59
N VAL A 278 -5.69 20.51 18.77
CA VAL A 278 -5.84 19.35 19.62
C VAL A 278 -6.20 19.86 21.01
N PRO A 279 -7.37 19.46 21.54
CA PRO A 279 -8.41 18.64 20.93
C PRO A 279 -9.23 19.38 19.88
N GLY A 280 -10.16 18.68 19.25
CA GLY A 280 -11.17 19.30 18.39
C GLY A 280 -10.84 19.38 16.91
N GLY A 281 -9.80 18.67 16.49
CA GLY A 281 -9.40 18.67 15.08
C GLY A 281 -9.64 17.33 14.44
N VAL A 282 -8.61 16.51 14.40
CA VAL A 282 -8.68 15.16 13.85
C VAL A 282 -9.67 14.26 14.64
N GLY A 283 -9.70 14.38 15.97
CA GLY A 283 -10.47 13.45 16.78
C GLY A 283 -11.94 13.31 16.42
N PRO A 284 -12.67 14.43 16.32
CA PRO A 284 -14.09 14.33 15.99
C PRO A 284 -14.32 13.74 14.61
N MET A 285 -13.36 13.96 13.72
CA MET A 285 -13.49 13.47 12.35
C MET A 285 -13.17 11.99 12.19
N THR A 286 -12.37 11.43 13.10
CA THR A 286 -12.20 9.98 13.17
C THR A 286 -13.53 9.30 13.46
N ILE A 287 -14.21 9.82 14.46
CA ILE A 287 -15.48 9.27 14.88
C ILE A 287 -16.51 9.45 13.76
N THR A 288 -16.58 10.66 13.20
CA THR A 288 -17.56 10.94 12.14
C THR A 288 -17.38 10.04 10.92
N THR A 289 -16.14 9.80 10.53
CA THR A 289 -15.85 8.94 9.40
C THR A 289 -16.36 7.53 9.64
N LEU A 290 -16.10 7.00 10.83
CA LEU A 290 -16.60 5.68 11.19
C LEU A 290 -18.13 5.60 11.08
N ILE A 291 -18.80 6.59 11.64
CA ILE A 291 -20.26 6.60 11.59
C ILE A 291 -20.79 6.78 10.16
N ARG A 292 -20.16 7.65 9.37
CA ARG A 292 -20.57 7.81 7.99
C ARG A 292 -20.47 6.48 7.23
N GLN A 293 -19.35 5.81 7.41
CA GLN A 293 -19.14 4.55 6.71
C GLN A 293 -20.10 3.48 7.18
N THR A 294 -20.51 3.55 8.45
CA THR A 294 -21.54 2.65 8.94
C THR A 294 -22.90 2.95 8.27
N VAL A 295 -23.23 4.23 8.12
CA VAL A 295 -24.46 4.61 7.43
C VAL A 295 -24.42 4.07 5.99
N GLU A 296 -23.27 4.21 5.33
CA GLU A 296 -23.11 3.70 3.98
C GLU A 296 -23.30 2.18 3.96
N ALA A 297 -22.68 1.46 4.90
CA ALA A 297 -22.82 0.02 4.94
C ALA A 297 -24.27 -0.39 5.17
N ALA A 298 -24.98 0.30 6.05
CA ALA A 298 -26.39 -0.03 6.34
C ALA A 298 -27.23 0.25 5.10
N GLU A 299 -26.99 1.37 4.44
CA GLU A 299 -27.76 1.69 3.23
C GLU A 299 -27.59 0.61 2.19
N LYS A 300 -26.36 0.12 2.01
CA LYS A 300 -26.10 -0.95 1.05
C LYS A 300 -26.80 -2.27 1.44
N ALA A 301 -26.73 -2.61 2.73
CA ALA A 301 -27.28 -3.87 3.22
C ALA A 301 -28.80 -3.88 3.23
N LEU A 302 -29.41 -2.73 3.55
CA LEU A 302 -30.85 -2.62 3.80
C LEU A 302 -31.66 -1.99 2.65
N GLY A 303 -31.00 -1.16 1.84
CA GLY A 303 -31.69 -0.36 0.82
C GLY A 303 -32.06 -1.15 -0.43
N PHE B 18 41.38 4.50 -9.73
CA PHE B 18 40.15 4.83 -10.49
C PHE B 18 39.26 3.59 -10.72
N GLN B 19 39.85 2.48 -11.14
CA GLN B 19 39.11 1.21 -11.27
C GLN B 19 38.33 0.82 -10.00
N GLY B 20 38.91 1.09 -8.83
CA GLY B 20 38.32 0.69 -7.56
C GLY B 20 37.18 1.61 -7.15
N HIS B 21 37.26 2.87 -7.56
CA HIS B 21 36.26 3.87 -7.18
C HIS B 21 35.01 3.85 -8.02
N MET B 22 34.99 3.07 -9.09
CA MET B 22 33.82 3.01 -9.97
C MET B 22 32.68 2.27 -9.29
N ALA B 23 31.46 2.63 -9.65
CA ALA B 23 30.27 2.02 -9.06
C ALA B 23 30.28 0.48 -9.14
N LEU B 24 29.72 -0.17 -8.12
CA LEU B 24 29.40 -1.61 -8.19
C LEU B 24 28.29 -1.84 -9.20
N VAL B 25 28.52 -2.73 -10.13
CA VAL B 25 27.46 -3.14 -11.08
C VAL B 25 26.58 -4.16 -10.36
N LEU B 26 25.30 -3.85 -10.21
CA LEU B 26 24.30 -4.75 -9.60
C LEU B 26 23.84 -5.69 -10.72
N ASP B 27 24.44 -6.87 -10.75
CA ASP B 27 24.36 -7.76 -11.89
C ASP B 27 23.16 -8.69 -11.75
N GLY B 28 22.03 -8.23 -12.26
CA GLY B 28 20.80 -8.99 -12.18
C GLY B 28 20.84 -10.24 -13.03
N ARG B 29 21.54 -10.17 -14.15
CA ARG B 29 21.67 -11.31 -15.04
CA ARG B 29 21.64 -11.34 -15.03
C ARG B 29 22.34 -12.48 -14.30
N ALA B 30 23.46 -12.19 -13.65
CA ALA B 30 24.18 -13.20 -12.88
C ALA B 30 23.35 -13.76 -11.73
N LEU B 31 22.68 -12.88 -11.00
CA LEU B 31 21.91 -13.28 -9.82
C LEU B 31 20.75 -14.16 -10.25
N ALA B 32 20.08 -13.78 -11.35
CA ALA B 32 18.98 -14.57 -11.89
C ALA B 32 19.45 -15.98 -12.23
N LYS B 33 20.60 -16.09 -12.89
CA LYS B 33 21.13 -17.41 -13.27
C LYS B 33 21.42 -18.26 -12.03
N GLN B 34 21.97 -17.62 -11.02
CA GLN B 34 22.28 -18.28 -9.77
C GLN B 34 21.04 -18.81 -9.06
N ILE B 35 20.00 -17.98 -9.00
CA ILE B 35 18.76 -18.39 -8.39
C ILE B 35 18.16 -19.56 -9.17
N GLU B 36 18.24 -19.48 -10.50
CA GLU B 36 17.67 -20.54 -11.32
C GLU B 36 18.31 -21.90 -11.09
N GLU B 37 19.59 -21.95 -10.76
CA GLU B 37 20.24 -23.23 -10.46
CA GLU B 37 20.21 -23.24 -10.48
C GLU B 37 19.59 -23.90 -9.27
N ASN B 38 19.25 -23.10 -8.25
CA ASN B 38 18.57 -23.63 -7.08
C ASN B 38 17.12 -24.01 -7.40
N LEU B 39 16.45 -23.20 -8.22
CA LEU B 39 15.09 -23.53 -8.58
C LEU B 39 15.03 -24.87 -9.31
N LEU B 40 15.98 -25.12 -10.19
CA LEU B 40 15.97 -26.33 -10.98
C LEU B 40 16.05 -27.58 -10.10
N VAL B 41 16.95 -27.58 -9.12
CA VAL B 41 17.07 -28.78 -8.29
C VAL B 41 15.81 -28.97 -7.44
N ARG B 42 15.20 -27.87 -7.01
CA ARG B 42 13.96 -27.94 -6.23
C ARG B 42 12.80 -28.52 -7.05
N VAL B 43 12.69 -28.07 -8.29
CA VAL B 43 11.63 -28.55 -9.17
C VAL B 43 11.85 -30.02 -9.51
N GLU B 44 13.09 -30.40 -9.79
CA GLU B 44 13.33 -31.81 -10.09
CA GLU B 44 13.40 -31.81 -10.06
C GLU B 44 13.03 -32.69 -8.86
N ALA B 45 13.33 -32.22 -7.66
CA ALA B 45 13.00 -32.98 -6.45
C ALA B 45 11.50 -33.15 -6.33
N LEU B 46 10.76 -32.07 -6.60
CA LEU B 46 9.32 -32.08 -6.48
C LEU B 46 8.68 -33.03 -7.49
N LYS B 47 9.16 -32.96 -8.73
CA LYS B 47 8.69 -33.85 -9.80
C LYS B 47 8.94 -35.32 -9.44
N ALA B 48 10.13 -35.59 -8.90
CA ALA B 48 10.49 -36.95 -8.54
C ALA B 48 9.58 -37.50 -7.43
N LYS B 49 9.26 -36.66 -6.45
CA LYS B 49 8.49 -37.07 -5.29
C LYS B 49 7.03 -37.28 -5.63
N THR B 50 6.48 -36.37 -6.43
CA THR B 50 5.03 -36.28 -6.62
C THR B 50 4.56 -36.78 -7.98
N GLY B 51 5.47 -36.88 -8.94
CA GLY B 51 5.13 -37.19 -10.33
C GLY B 51 4.56 -36.03 -11.13
N ARG B 52 4.45 -34.85 -10.52
CA ARG B 52 3.76 -33.72 -11.14
C ARG B 52 4.71 -32.56 -11.39
N THR B 53 4.50 -31.87 -12.50
CA THR B 53 5.29 -30.71 -12.90
C THR B 53 4.63 -29.40 -12.49
N PRO B 54 5.38 -28.50 -11.85
CA PRO B 54 4.80 -27.17 -11.58
C PRO B 54 4.37 -26.49 -12.87
N ILE B 55 3.24 -25.78 -12.82
CA ILE B 55 2.74 -25.04 -13.98
C ILE B 55 2.46 -23.59 -13.67
N LEU B 56 3.05 -22.71 -14.48
CA LEU B 56 2.67 -21.31 -14.53
C LEU B 56 1.74 -21.11 -15.72
N ALA B 57 0.51 -20.64 -15.48
CA ALA B 57 -0.34 -20.22 -16.58
C ALA B 57 0.02 -18.78 -16.93
N THR B 58 0.30 -18.54 -18.22
CA THR B 58 0.57 -17.20 -18.71
C THR B 58 -0.59 -16.78 -19.61
N ILE B 59 -1.13 -15.60 -19.36
CA ILE B 59 -2.23 -15.08 -20.14
C ILE B 59 -1.77 -13.85 -20.90
N LEU B 60 -1.81 -13.97 -22.25
CA LEU B 60 -1.42 -12.93 -23.17
C LEU B 60 -2.68 -12.52 -23.90
N VAL B 61 -3.11 -11.29 -23.73
CA VAL B 61 -4.34 -10.81 -24.31
C VAL B 61 -3.98 -9.83 -25.42
N GLY B 62 -4.34 -10.18 -26.65
CA GLY B 62 -4.04 -9.31 -27.77
C GLY B 62 -2.65 -9.47 -28.35
N ASP B 63 -2.27 -8.48 -29.16
CA ASP B 63 -1.15 -8.59 -30.10
CA ASP B 63 -1.13 -8.63 -30.07
C ASP B 63 0.09 -7.76 -29.77
N ASP B 64 0.15 -7.15 -28.59
CA ASP B 64 1.28 -6.31 -28.28
C ASP B 64 2.60 -7.11 -28.38
N GLY B 65 3.55 -6.61 -29.16
CA GLY B 65 4.79 -7.33 -29.41
C GLY B 65 5.65 -7.48 -28.18
N ALA B 66 5.78 -6.41 -27.41
CA ALA B 66 6.58 -6.46 -26.19
C ALA B 66 5.98 -7.46 -25.20
N SER B 67 4.65 -7.42 -25.06
CA SER B 67 3.99 -8.38 -24.19
C SER B 67 4.25 -9.84 -24.61
N ALA B 68 4.18 -10.10 -25.92
CA ALA B 68 4.43 -11.44 -26.45
C ALA B 68 5.85 -11.88 -26.12
N THR B 69 6.81 -10.98 -26.26
CA THR B 69 8.20 -11.27 -25.95
C THR B 69 8.39 -11.56 -24.47
N TYR B 70 7.79 -10.75 -23.61
CA TYR B 70 7.92 -10.97 -22.18
C TYR B 70 7.34 -12.33 -21.77
N VAL B 71 6.19 -12.71 -22.35
CA VAL B 71 5.59 -14.00 -22.07
C VAL B 71 6.48 -15.15 -22.57
N ARG B 72 7.04 -14.99 -23.76
CA ARG B 72 7.94 -16.00 -24.30
C ARG B 72 9.14 -16.18 -23.35
N MET B 73 9.72 -15.07 -22.90
CA MET B 73 10.86 -15.13 -21.98
C MET B 73 10.49 -15.78 -20.65
N LYS B 74 9.28 -15.51 -20.16
CA LYS B 74 8.83 -16.11 -18.91
C LYS B 74 8.62 -17.62 -19.08
N GLY B 75 8.04 -18.05 -20.21
CA GLY B 75 7.88 -19.46 -20.48
C GLY B 75 9.23 -20.17 -20.59
N ASN B 76 10.19 -19.52 -21.22
CA ASN B 76 11.52 -20.08 -21.33
C ASN B 76 12.14 -20.26 -19.95
N ALA B 77 11.93 -19.28 -19.06
CA ALA B 77 12.49 -19.36 -17.73
C ALA B 77 11.84 -20.53 -16.96
N CYS B 78 10.54 -20.72 -17.13
CA CYS B 78 9.88 -21.92 -16.56
CA CYS B 78 9.82 -21.89 -16.62
C CYS B 78 10.57 -23.18 -16.98
N ARG B 79 10.82 -23.33 -18.27
CA ARG B 79 11.40 -24.56 -18.77
C ARG B 79 12.84 -24.73 -18.32
N ARG B 80 13.58 -23.63 -18.20
CA ARG B 80 14.95 -23.70 -17.72
C ARG B 80 15.04 -24.30 -16.34
N VAL B 81 14.03 -24.08 -15.50
CA VAL B 81 14.06 -24.62 -14.14
C VAL B 81 13.24 -25.89 -13.98
N GLY B 82 12.86 -26.51 -15.11
CA GLY B 82 12.22 -27.81 -15.08
C GLY B 82 10.70 -27.81 -14.98
N MET B 83 10.10 -26.62 -15.01
CA MET B 83 8.65 -26.42 -14.94
CA MET B 83 8.64 -26.58 -14.97
C MET B 83 8.08 -26.30 -16.35
N ASP B 84 6.77 -26.13 -16.44
CA ASP B 84 6.27 -25.72 -17.74
CA ASP B 84 5.99 -26.02 -17.68
C ASP B 84 5.23 -24.67 -17.59
N SER B 85 4.87 -24.11 -18.72
CA SER B 85 3.86 -23.07 -18.74
C SER B 85 2.65 -23.54 -19.52
N LEU B 86 1.50 -23.06 -19.09
CA LEU B 86 0.26 -23.21 -19.83
C LEU B 86 0.00 -21.88 -20.51
N LYS B 87 0.11 -21.86 -21.84
CA LYS B 87 0.03 -20.63 -22.61
C LYS B 87 -1.41 -20.35 -23.02
N ILE B 88 -1.99 -19.32 -22.42
CA ILE B 88 -3.34 -18.88 -22.73
C ILE B 88 -3.20 -17.63 -23.58
N GLU B 89 -3.72 -17.69 -24.80
CA GLU B 89 -3.69 -16.55 -25.71
C GLU B 89 -5.12 -16.17 -26.05
N LEU B 90 -5.48 -14.92 -25.75
CA LEU B 90 -6.84 -14.43 -25.96
C LEU B 90 -6.79 -13.28 -26.94
N PRO B 91 -7.90 -13.08 -27.68
CA PRO B 91 -7.89 -12.02 -28.67
C PRO B 91 -7.92 -10.61 -28.10
N GLN B 92 -7.50 -9.67 -28.93
CA GLN B 92 -7.40 -8.28 -28.49
CA GLN B 92 -7.46 -8.23 -28.64
C GLN B 92 -8.75 -7.72 -28.02
N GLU B 93 -9.86 -8.22 -28.58
CA GLU B 93 -11.18 -7.71 -28.23
C GLU B 93 -11.81 -8.41 -27.01
N THR B 94 -11.06 -9.25 -26.33
CA THR B 94 -11.53 -9.90 -25.11
C THR B 94 -12.16 -8.88 -24.17
N THR B 95 -13.30 -9.23 -23.59
CA THR B 95 -13.94 -8.35 -22.61
C THR B 95 -13.43 -8.65 -21.19
N THR B 96 -13.69 -7.72 -20.29
CA THR B 96 -13.41 -7.95 -18.86
C THR B 96 -14.04 -9.26 -18.40
N GLU B 97 -15.31 -9.46 -18.78
CA GLU B 97 -16.06 -10.62 -18.34
C GLU B 97 -15.43 -11.91 -18.84
N GLN B 98 -14.98 -11.91 -20.09
CA GLN B 98 -14.32 -13.10 -20.63
C GLN B 98 -13.01 -13.40 -19.94
N LEU B 99 -12.23 -12.36 -19.66
CA LEU B 99 -10.94 -12.55 -19.00
C LEU B 99 -11.17 -13.03 -17.57
N LEU B 100 -12.14 -12.46 -16.86
CA LEU B 100 -12.47 -12.95 -15.52
C LEU B 100 -12.82 -14.44 -15.56
N ALA B 101 -13.60 -14.86 -16.56
CA ALA B 101 -14.00 -16.27 -16.66
C ALA B 101 -12.80 -17.16 -16.90
N GLU B 102 -11.83 -16.69 -17.68
CA GLU B 102 -10.64 -17.49 -17.92
C GLU B 102 -9.80 -17.63 -16.65
N ILE B 103 -9.67 -16.53 -15.92
CA ILE B 103 -8.93 -16.53 -14.66
C ILE B 103 -9.59 -17.48 -13.65
N GLU B 104 -10.92 -17.46 -13.56
CA GLU B 104 -11.61 -18.34 -12.61
C GLU B 104 -11.40 -19.80 -13.00
N LYS B 105 -11.36 -20.10 -14.29
CA LYS B 105 -11.05 -21.46 -14.74
C LYS B 105 -9.65 -21.89 -14.23
N LEU B 106 -8.68 -20.98 -14.34
CA LEU B 106 -7.32 -21.27 -13.91
C LEU B 106 -7.24 -21.37 -12.39
N ASN B 107 -7.97 -20.52 -11.69
CA ASN B 107 -8.04 -20.61 -10.23
C ASN B 107 -8.51 -21.99 -9.79
N ALA B 108 -9.45 -22.56 -10.54
CA ALA B 108 -10.11 -23.82 -10.17
C ALA B 108 -9.32 -25.04 -10.61
N ASN B 109 -8.30 -24.85 -11.44
CA ASN B 109 -7.54 -25.95 -12.01
C ASN B 109 -6.41 -26.31 -11.05
N PRO B 110 -6.48 -27.46 -10.37
CA PRO B 110 -5.48 -27.76 -9.36
C PRO B 110 -4.08 -28.01 -9.94
N ASP B 111 -3.99 -28.21 -11.25
CA ASP B 111 -2.69 -28.41 -11.89
C ASP B 111 -1.95 -27.12 -12.16
N VAL B 112 -2.63 -26.00 -12.07
CA VAL B 112 -2.01 -24.68 -12.28
C VAL B 112 -1.65 -24.10 -10.92
N HIS B 113 -0.36 -23.79 -10.74
CA HIS B 113 0.16 -23.31 -9.46
C HIS B 113 0.28 -21.83 -9.39
N GLY B 114 0.52 -21.18 -10.53
CA GLY B 114 0.58 -19.72 -10.56
C GLY B 114 -0.09 -19.19 -11.81
N ILE B 115 -0.59 -17.95 -11.72
CA ILE B 115 -1.24 -17.29 -12.84
C ILE B 115 -0.55 -15.93 -13.06
N LEU B 116 -0.08 -15.72 -14.29
CA LEU B 116 0.43 -14.45 -14.76
C LEU B 116 -0.54 -13.90 -15.77
N LEU B 117 -1.03 -12.69 -15.52
CA LEU B 117 -1.71 -11.88 -16.55
C LEU B 117 -0.70 -10.84 -17.02
N GLN B 118 -0.28 -10.92 -18.28
CA GLN B 118 0.72 -10.00 -18.79
C GLN B 118 0.13 -8.61 -19.02
N HIS B 119 0.72 -7.62 -18.37
CA HIS B 119 0.32 -6.23 -18.47
C HIS B 119 1.13 -5.60 -19.57
N PRO B 120 0.55 -4.61 -20.28
CA PRO B 120 -0.79 -4.08 -20.13
C PRO B 120 -1.78 -4.79 -21.06
N VAL B 121 -2.91 -5.20 -20.51
CA VAL B 121 -3.95 -5.80 -21.34
C VAL B 121 -4.58 -4.72 -22.21
N PRO B 122 -5.25 -5.13 -23.29
CA PRO B 122 -6.03 -4.14 -24.07
C PRO B 122 -6.92 -3.27 -23.17
N ALA B 123 -6.98 -1.97 -23.50
CA ALA B 123 -7.45 -0.96 -22.55
C ALA B 123 -8.96 -0.96 -22.30
N GLN B 124 -9.75 -1.71 -23.09
CA GLN B 124 -11.17 -1.87 -22.79
C GLN B 124 -11.44 -2.80 -21.61
N ILE B 125 -10.41 -3.53 -21.18
CA ILE B 125 -10.51 -4.44 -20.05
C ILE B 125 -10.15 -3.72 -18.76
N ASP B 126 -10.91 -4.00 -17.71
CA ASP B 126 -10.62 -3.51 -16.39
C ASP B 126 -9.52 -4.39 -15.80
N GLU B 127 -8.28 -3.95 -16.02
CA GLU B 127 -7.12 -4.78 -15.67
C GLU B 127 -7.09 -5.05 -14.18
N ARG B 128 -7.36 -4.01 -13.40
CA ARG B 128 -7.38 -4.16 -11.94
C ARG B 128 -8.37 -5.23 -11.48
N ALA B 129 -9.60 -5.19 -12.00
CA ALA B 129 -10.57 -6.21 -11.67
C ALA B 129 -10.04 -7.62 -11.96
N CYS B 130 -9.35 -7.75 -13.09
CA CYS B 130 -8.87 -9.05 -13.50
C CYS B 130 -7.69 -9.50 -12.64
N PHE B 131 -6.74 -8.60 -12.38
CA PHE B 131 -5.70 -8.89 -11.41
C PHE B 131 -6.31 -9.40 -10.10
N ASP B 132 -7.34 -8.69 -9.61
CA ASP B 132 -7.90 -9.01 -8.32
C ASP B 132 -8.67 -10.33 -8.28
N ALA B 133 -9.01 -10.88 -9.45
CA ALA B 133 -9.67 -12.16 -9.54
C ALA B 133 -8.71 -13.34 -9.34
N ILE B 134 -7.40 -13.11 -9.49
CA ILE B 134 -6.42 -14.18 -9.32
C ILE B 134 -6.38 -14.59 -7.85
N SER B 135 -6.48 -15.88 -7.58
CA SER B 135 -6.43 -16.41 -6.22
CA SER B 135 -6.46 -16.31 -6.18
C SER B 135 -5.11 -15.99 -5.57
N LEU B 136 -5.13 -15.64 -4.29
CA LEU B 136 -3.92 -15.21 -3.61
C LEU B 136 -2.82 -16.27 -3.71
N ALA B 137 -3.22 -17.55 -3.58
CA ALA B 137 -2.28 -18.66 -3.61
C ALA B 137 -1.59 -18.78 -4.96
N LYS B 138 -2.20 -18.24 -6.01
CA LYS B 138 -1.66 -18.34 -7.36
C LYS B 138 -1.13 -17.00 -7.86
N ASP B 139 -1.13 -15.97 -6.99
CA ASP B 139 -0.74 -14.61 -7.37
C ASP B 139 0.78 -14.45 -7.38
N VAL B 140 1.43 -15.24 -8.22
CA VAL B 140 2.88 -15.37 -8.24
C VAL B 140 3.59 -14.16 -8.85
N ASP B 141 2.86 -13.29 -9.57
CA ASP B 141 3.40 -12.04 -10.03
C ASP B 141 3.12 -10.90 -9.06
N GLY B 142 2.35 -11.16 -8.02
CA GLY B 142 2.07 -10.18 -6.98
C GLY B 142 1.25 -8.99 -7.37
N VAL B 143 0.17 -9.23 -8.11
CA VAL B 143 -0.65 -8.15 -8.66
C VAL B 143 -1.96 -7.88 -7.92
N THR B 144 -2.36 -8.74 -6.97
CA THR B 144 -3.66 -8.53 -6.35
C THR B 144 -3.64 -7.39 -5.32
N CYS B 145 -4.78 -6.74 -5.15
CA CYS B 145 -4.91 -5.72 -4.07
C CYS B 145 -4.64 -6.38 -2.73
N LEU B 146 -5.18 -7.58 -2.53
CA LEU B 146 -4.97 -8.28 -1.26
C LEU B 146 -3.50 -8.56 -0.99
N GLY B 147 -2.80 -9.03 -2.02
CA GLY B 147 -1.37 -9.29 -1.89
C GLY B 147 -0.60 -8.04 -1.57
N PHE B 148 -0.93 -6.94 -2.25
CA PHE B 148 -0.26 -5.68 -1.97
C PHE B 148 -0.51 -5.26 -0.53
N GLY B 149 -1.76 -5.35 -0.08
CA GLY B 149 -2.09 -4.95 1.29
C GLY B 149 -1.36 -5.80 2.31
N ARG B 150 -1.34 -7.11 2.08
CA ARG B 150 -0.66 -8.02 2.98
C ARG B 150 0.82 -7.67 3.06
N MET B 151 1.45 -7.51 1.90
CA MET B 151 2.86 -7.14 1.85
C MET B 151 3.11 -5.84 2.61
N ALA B 152 2.25 -4.85 2.39
CA ALA B 152 2.43 -3.53 3.00
C ALA B 152 2.39 -3.61 4.52
N MET B 153 1.64 -4.58 5.04
CA MET B 153 1.45 -4.74 6.47
CA MET B 153 1.48 -4.76 6.48
C MET B 153 2.28 -5.88 7.08
N GLY B 154 3.22 -6.42 6.32
CA GLY B 154 4.14 -7.42 6.81
C GLY B 154 3.62 -8.85 6.88
N GLU B 155 2.48 -9.09 6.25
CA GLU B 155 1.93 -10.44 6.17
CA GLU B 155 1.90 -10.44 6.18
C GLU B 155 2.43 -11.16 4.93
N ALA B 156 2.40 -12.49 4.99
CA ALA B 156 2.90 -13.32 3.91
C ALA B 156 2.07 -13.14 2.64
N ALA B 157 2.77 -12.86 1.55
CA ALA B 157 2.15 -12.78 0.21
C ALA B 157 3.27 -12.78 -0.82
N TYR B 158 2.99 -13.31 -2.01
CA TYR B 158 3.92 -13.12 -3.11
C TYR B 158 3.99 -11.63 -3.47
N GLY B 159 5.21 -11.14 -3.64
CA GLY B 159 5.43 -9.76 -3.96
C GLY B 159 5.38 -9.49 -5.44
N SER B 160 5.03 -8.26 -5.78
CA SER B 160 5.07 -7.81 -7.17
CA SER B 160 5.07 -7.84 -7.17
C SER B 160 6.46 -8.13 -7.72
N ALA B 161 6.51 -8.80 -8.85
CA ALA B 161 7.75 -9.38 -9.31
C ALA B 161 8.91 -8.40 -9.49
N THR B 162 8.67 -7.27 -10.14
CA THR B 162 9.74 -6.32 -10.39
C THR B 162 10.30 -5.72 -9.10
N PRO B 163 9.43 -5.12 -8.24
CA PRO B 163 10.02 -4.59 -7.00
C PRO B 163 10.61 -5.65 -6.09
N ALA B 164 10.00 -6.84 -6.03
CA ALA B 164 10.59 -7.90 -5.19
C ALA B 164 11.98 -8.29 -5.74
N GLY B 165 12.10 -8.35 -7.07
CA GLY B 165 13.38 -8.62 -7.72
C GLY B 165 14.43 -7.56 -7.35
N ILE B 166 14.00 -6.32 -7.31
CA ILE B 166 14.86 -5.22 -6.91
C ILE B 166 15.33 -5.39 -5.48
N MET B 167 14.41 -5.68 -4.57
CA MET B 167 14.80 -5.91 -3.18
C MET B 167 15.83 -7.04 -3.08
N THR B 168 15.65 -8.10 -3.87
CA THR B 168 16.59 -9.20 -3.87
C THR B 168 17.98 -8.78 -4.37
N ILE B 169 18.01 -8.01 -5.46
CA ILE B 169 19.28 -7.47 -5.95
C ILE B 169 19.99 -6.65 -4.87
N LEU B 170 19.23 -5.79 -4.20
CA LEU B 170 19.85 -4.92 -3.20
C LEU B 170 20.38 -5.77 -2.03
N LYS B 171 19.56 -6.70 -1.55
CA LYS B 171 19.97 -7.49 -0.40
CA LYS B 171 19.94 -7.55 -0.41
C LYS B 171 21.18 -8.38 -0.71
N GLU B 172 21.17 -9.01 -1.89
CA GLU B 172 22.26 -9.93 -2.23
C GLU B 172 23.54 -9.23 -2.64
N ASN B 173 23.48 -7.91 -2.81
CA ASN B 173 24.67 -7.09 -3.03
C ASN B 173 25.02 -6.28 -1.79
N ASN B 174 24.40 -6.63 -0.65
CA ASN B 174 24.73 -6.02 0.65
C ASN B 174 24.56 -4.50 0.66
N ILE B 175 23.56 -4.02 -0.06
CA ILE B 175 23.23 -2.61 -0.07
C ILE B 175 22.49 -2.23 1.19
N GLU B 176 22.96 -1.18 1.88
CA GLU B 176 22.32 -0.67 3.06
C GLU B 176 21.04 0.06 2.67
N ILE B 177 19.94 -0.28 3.34
CA ILE B 177 18.64 0.35 3.07
C ILE B 177 18.11 1.07 4.31
N ALA B 178 18.24 0.44 5.48
CA ALA B 178 17.69 1.01 6.71
C ALA B 178 18.28 2.40 6.97
N GLY B 179 17.41 3.37 7.22
CA GLY B 179 17.83 4.74 7.48
C GLY B 179 18.15 5.59 6.27
N LYS B 180 18.24 4.98 5.10
CA LYS B 180 18.53 5.71 3.88
C LYS B 180 17.25 6.37 3.35
N HIS B 181 17.43 7.44 2.58
CA HIS B 181 16.33 8.11 1.91
C HIS B 181 16.19 7.54 0.52
N ALA B 182 15.11 6.78 0.31
CA ALA B 182 14.82 6.19 -0.99
C ALA B 182 13.74 7.02 -1.67
N VAL B 183 13.98 7.37 -2.93
CA VAL B 183 13.05 8.12 -3.76
C VAL B 183 12.62 7.21 -4.91
N VAL B 184 11.33 6.96 -4.97
CA VAL B 184 10.73 6.13 -6.02
C VAL B 184 10.01 7.11 -6.96
N VAL B 185 10.48 7.18 -8.21
CA VAL B 185 9.89 8.05 -9.21
C VAL B 185 8.96 7.17 -10.05
N GLY B 186 7.67 7.35 -9.84
CA GLY B 186 6.62 6.54 -10.43
C GLY B 186 5.83 5.87 -9.31
N ARG B 187 4.52 5.74 -9.51
CA ARG B 187 3.63 5.21 -8.48
C ARG B 187 2.64 4.20 -9.03
N SER B 188 3.05 3.47 -10.07
CA SER B 188 2.11 2.51 -10.65
C SER B 188 1.76 1.43 -9.65
N ALA B 189 0.59 0.85 -9.87
CA ALA B 189 0.04 -0.17 -9.00
C ALA B 189 0.95 -1.38 -8.88
N ILE B 190 1.62 -1.76 -9.96
CA ILE B 190 2.43 -2.98 -9.95
C ILE B 190 3.92 -2.75 -9.87
N LEU B 191 4.37 -1.48 -9.82
CA LEU B 191 5.78 -1.19 -9.70
C LEU B 191 6.03 -0.14 -8.62
N GLY B 192 5.74 1.12 -8.89
CA GLY B 192 6.13 2.19 -7.96
C GLY B 192 5.55 2.03 -6.56
N LYS B 193 4.26 1.76 -6.47
CA LYS B 193 3.63 1.62 -5.15
C LYS B 193 4.20 0.43 -4.35
N PRO B 194 4.25 -0.79 -4.94
CA PRO B 194 4.87 -1.87 -4.14
C PRO B 194 6.34 -1.62 -3.83
N MET B 195 7.07 -1.02 -4.76
CA MET B 195 8.48 -0.69 -4.53
C MET B 195 8.61 0.17 -3.28
N ALA B 196 7.78 1.20 -3.19
CA ALA B 196 7.79 2.11 -2.07
C ALA B 196 7.52 1.37 -0.76
N MET B 197 6.52 0.48 -0.77
CA MET B 197 6.16 -0.22 0.46
C MET B 197 7.22 -1.21 0.87
N MET B 198 7.86 -1.85 -0.11
CA MET B 198 8.96 -2.77 0.19
C MET B 198 10.16 -2.06 0.78
N LEU B 199 10.50 -0.89 0.23
CA LEU B 199 11.60 -0.10 0.77
C LEU B 199 11.29 0.39 2.19
N LEU B 200 10.05 0.75 2.41
CA LEU B 200 9.60 1.18 3.74
C LEU B 200 9.72 0.05 4.76
N GLN B 201 9.32 -1.16 4.37
CA GLN B 201 9.45 -2.34 5.24
C GLN B 201 10.91 -2.62 5.59
N ALA B 202 11.82 -2.28 4.67
CA ALA B 202 13.26 -2.39 4.88
C ALA B 202 13.85 -1.17 5.62
N ASN B 203 12.99 -0.30 6.12
CA ASN B 203 13.37 0.82 6.99
C ASN B 203 14.00 2.02 6.31
N ALA B 204 13.86 2.13 4.99
CA ALA B 204 14.17 3.37 4.29
C ALA B 204 13.12 4.40 4.66
N THR B 205 13.51 5.66 4.67
CA THR B 205 12.57 6.78 4.55
C THR B 205 12.22 6.86 3.07
N VAL B 206 10.96 6.90 2.74
CA VAL B 206 10.56 6.78 1.32
C VAL B 206 9.77 7.98 0.83
N THR B 207 10.22 8.55 -0.29
CA THR B 207 9.49 9.57 -1.00
C THR B 207 8.98 8.99 -2.31
N ILE B 208 7.70 9.17 -2.58
CA ILE B 208 7.05 8.70 -3.79
C ILE B 208 6.66 9.90 -4.65
N CYS B 209 7.20 9.90 -5.88
CA CYS B 209 7.04 10.96 -6.85
C CYS B 209 6.26 10.47 -8.07
N HIS B 210 5.72 11.41 -8.82
CA HIS B 210 4.85 11.10 -9.96
C HIS B 210 4.77 12.30 -10.86
N SER B 211 3.88 12.26 -11.84
CA SER B 211 3.86 13.30 -12.87
C SER B 211 3.45 14.68 -12.35
N ARG B 212 2.84 14.75 -11.17
CA ARG B 212 2.47 16.03 -10.58
C ARG B 212 3.46 16.52 -9.52
N THR B 213 4.57 15.81 -9.34
CA THR B 213 5.61 16.25 -8.42
C THR B 213 6.32 17.50 -8.93
N GLN B 214 6.46 18.45 -8.01
CA GLN B 214 7.22 19.69 -8.21
CA GLN B 214 7.23 19.66 -8.25
C GLN B 214 8.62 19.48 -7.65
N ASN B 215 9.60 20.18 -8.21
CA ASN B 215 10.99 20.10 -7.73
C ASN B 215 11.55 18.67 -7.79
N LEU B 216 11.17 17.93 -8.82
CA LEU B 216 11.67 16.57 -8.98
C LEU B 216 13.20 16.49 -8.97
N PRO B 217 13.90 17.39 -9.69
CA PRO B 217 15.36 17.26 -9.67
C PRO B 217 15.96 17.36 -8.27
N GLU B 218 15.39 18.21 -7.43
CA GLU B 218 15.89 18.38 -6.07
C GLU B 218 15.57 17.16 -5.22
N LEU B 219 14.36 16.61 -5.35
CA LEU B 219 14.01 15.41 -4.58
C LEU B 219 14.89 14.22 -4.95
N VAL B 220 15.17 14.08 -6.24
CA VAL B 220 16.04 12.98 -6.69
C VAL B 220 17.44 13.20 -6.13
N LYS B 221 17.91 14.46 -6.10
CA LYS B 221 19.23 14.77 -5.56
C LYS B 221 19.38 14.50 -4.07
N GLN B 222 18.26 14.47 -3.35
CA GLN B 222 18.26 14.10 -1.93
C GLN B 222 18.34 12.59 -1.69
N ALA B 223 18.13 11.79 -2.73
CA ALA B 223 17.99 10.34 -2.59
C ALA B 223 19.33 9.61 -2.40
N ASP B 224 19.40 8.78 -1.38
CA ASP B 224 20.45 7.80 -1.22
C ASP B 224 20.23 6.60 -2.13
N ILE B 225 18.96 6.27 -2.35
CA ILE B 225 18.55 5.19 -3.25
C ILE B 225 17.50 5.76 -4.19
N ILE B 226 17.73 5.65 -5.50
CA ILE B 226 16.80 6.20 -6.48
CA ILE B 226 16.82 6.18 -6.52
C ILE B 226 16.26 5.03 -7.32
N VAL B 227 14.94 4.95 -7.44
CA VAL B 227 14.31 3.94 -8.31
C VAL B 227 13.56 4.66 -9.41
N GLY B 228 13.98 4.44 -10.66
CA GLY B 228 13.29 5.01 -11.81
C GLY B 228 12.23 4.04 -12.33
N ALA B 229 10.97 4.45 -12.27
CA ALA B 229 9.83 3.63 -12.61
C ALA B 229 8.77 4.47 -13.31
N VAL B 230 9.21 5.23 -14.32
CA VAL B 230 8.34 6.18 -15.02
C VAL B 230 7.97 5.76 -16.42
N GLY B 231 8.70 4.82 -17.03
CA GLY B 231 8.36 4.35 -18.37
C GLY B 231 8.59 5.41 -19.45
N LYS B 232 9.59 6.27 -19.24
CA LYS B 232 9.96 7.30 -20.18
C LYS B 232 11.49 7.32 -20.29
N ALA B 233 12.00 7.13 -21.51
CA ALA B 233 13.41 6.88 -21.70
C ALA B 233 14.30 8.01 -21.16
N GLU B 234 15.21 7.64 -20.26
CA GLU B 234 16.21 8.55 -19.69
C GLU B 234 15.61 9.84 -19.11
N LEU B 235 14.41 9.74 -18.55
CA LEU B 235 13.79 10.92 -17.93
C LEU B 235 14.63 11.43 -16.75
N ILE B 236 15.08 10.52 -15.89
CA ILE B 236 15.85 10.91 -14.72
C ILE B 236 17.27 11.27 -15.16
N GLN B 237 17.64 12.52 -14.94
CA GLN B 237 18.90 13.05 -15.46
C GLN B 237 20.06 12.70 -14.54
N LYS B 238 21.21 12.40 -15.15
CA LYS B 238 22.38 12.00 -14.37
C LYS B 238 22.82 13.14 -13.44
N ASP B 239 22.60 14.39 -13.83
CA ASP B 239 23.00 15.50 -12.94
C ASP B 239 22.09 15.67 -11.71
N TRP B 240 20.95 14.96 -11.68
CA TRP B 240 20.10 14.95 -10.48
C TRP B 240 20.54 13.96 -9.46
N ILE B 241 21.47 13.06 -9.81
CA ILE B 241 21.82 11.98 -8.89
C ILE B 241 22.86 12.41 -7.84
N LYS B 242 22.60 12.07 -6.58
CA LYS B 242 23.48 12.31 -5.43
C LYS B 242 24.76 11.47 -5.59
N GLN B 243 25.92 12.09 -5.41
CA GLN B 243 27.16 11.35 -5.46
C GLN B 243 27.13 10.24 -4.41
N GLY B 244 27.41 9.01 -4.83
CA GLY B 244 27.36 7.85 -3.94
C GLY B 244 26.00 7.15 -3.87
N ALA B 245 25.00 7.66 -4.59
CA ALA B 245 23.66 7.05 -4.58
C ALA B 245 23.68 5.63 -5.15
N VAL B 246 22.71 4.85 -4.71
CA VAL B 246 22.40 3.56 -5.31
C VAL B 246 21.27 3.79 -6.32
N VAL B 247 21.53 3.44 -7.58
CA VAL B 247 20.68 3.79 -8.70
C VAL B 247 20.06 2.53 -9.32
N VAL B 248 18.74 2.46 -9.24
CA VAL B 248 17.98 1.33 -9.74
C VAL B 248 17.07 1.81 -10.87
N ASP B 249 17.32 1.27 -12.05
CA ASP B 249 16.59 1.67 -13.24
C ASP B 249 15.70 0.52 -13.70
N ALA B 250 14.39 0.69 -13.50
CA ALA B 250 13.43 -0.33 -13.83
C ALA B 250 12.83 -0.18 -15.23
N GLY B 251 13.33 0.76 -16.03
CA GLY B 251 12.78 0.99 -17.34
C GLY B 251 13.44 0.14 -18.41
N PHE B 252 12.74 -0.06 -19.51
CA PHE B 252 13.38 -0.63 -20.69
C PHE B 252 12.71 -0.09 -21.94
N HIS B 253 13.54 0.46 -22.84
CA HIS B 253 13.10 1.07 -24.09
C HIS B 253 14.03 0.59 -25.18
N PRO B 254 13.51 -0.25 -26.11
CA PRO B 254 14.34 -0.79 -27.19
C PRO B 254 14.99 0.31 -28.04
N ARG B 255 16.28 0.13 -28.34
CA ARG B 255 17.03 1.09 -29.16
CA ARG B 255 17.00 1.08 -29.18
C ARG B 255 18.07 0.37 -30.01
N ASP B 256 18.33 0.91 -31.20
CA ASP B 256 19.36 0.37 -32.08
C ASP B 256 20.70 0.57 -31.39
N GLY B 257 21.37 -0.54 -31.09
CA GLY B 257 22.66 -0.52 -30.41
C GLY B 257 22.55 -0.49 -28.89
N GLY B 258 21.58 -1.22 -28.35
CA GLY B 258 21.39 -1.34 -26.89
C GLY B 258 20.25 -0.48 -26.37
N GLY B 259 19.27 -1.12 -25.73
CA GLY B 259 18.13 -0.42 -25.14
C GLY B 259 18.57 0.40 -23.94
N VAL B 260 17.71 1.32 -23.53
CA VAL B 260 17.99 2.17 -22.37
C VAL B 260 16.82 2.12 -21.40
N GLY B 261 17.06 2.59 -20.18
CA GLY B 261 16.02 2.65 -19.17
C GLY B 261 15.43 4.03 -18.95
N ASP B 262 14.90 4.23 -17.75
CA ASP B 262 14.28 5.49 -17.32
C ASP B 262 15.27 6.51 -16.76
N ILE B 263 16.54 6.10 -16.65
CA ILE B 263 17.60 6.93 -16.07
C ILE B 263 18.74 7.07 -17.08
N GLN B 264 19.34 8.26 -17.14
CA GLN B 264 20.57 8.47 -17.89
C GLN B 264 21.71 7.74 -17.17
N LEU B 265 22.12 6.61 -17.74
CA LEU B 265 23.16 5.79 -17.13
C LEU B 265 24.54 5.88 -17.79
N GLN B 266 24.63 6.58 -18.91
CA GLN B 266 25.94 6.82 -19.52
C GLN B 266 26.79 7.58 -18.53
N GLY B 267 27.90 6.98 -18.11
CA GLY B 267 28.80 7.58 -17.14
C GLY B 267 28.40 7.47 -15.69
N ILE B 268 27.38 6.65 -15.42
CA ILE B 268 26.87 6.50 -14.08
C ILE B 268 27.94 5.96 -13.12
N GLU B 269 28.90 5.23 -13.67
CA GLU B 269 29.92 4.61 -12.83
C GLU B 269 30.81 5.61 -12.05
N GLU B 270 30.83 6.87 -12.49
CA GLU B 270 31.56 7.94 -11.80
C GLU B 270 30.74 8.64 -10.74
N ILE B 271 29.43 8.35 -10.71
CA ILE B 271 28.50 9.06 -9.84
C ILE B 271 27.95 8.15 -8.74
N ALA B 272 27.43 7.00 -9.14
CA ALA B 272 26.74 6.12 -8.20
C ALA B 272 27.73 5.29 -7.40
N SER B 273 27.34 4.85 -6.21
CA SER B 273 28.08 3.78 -5.52
C SER B 273 27.76 2.40 -6.09
N ALA B 274 26.55 2.25 -6.62
CA ALA B 274 26.12 0.97 -7.20
C ALA B 274 24.96 1.27 -8.12
N TYR B 275 24.83 0.52 -9.21
CA TYR B 275 23.73 0.75 -10.12
C TYR B 275 23.35 -0.52 -10.86
N THR B 276 22.09 -0.59 -11.27
CA THR B 276 21.61 -1.66 -12.11
C THR B 276 21.79 -1.26 -13.58
N PRO B 277 22.57 -2.05 -14.37
CA PRO B 277 22.63 -1.75 -15.79
C PRO B 277 21.30 -2.01 -16.49
N VAL B 278 21.13 -1.41 -17.67
CA VAL B 278 20.03 -1.70 -18.58
C VAL B 278 20.63 -1.89 -19.97
N PRO B 279 20.46 -3.08 -20.55
CA PRO B 279 19.79 -4.27 -20.01
C PRO B 279 20.64 -4.99 -18.95
N GLY B 280 20.09 -6.04 -18.37
CA GLY B 280 20.85 -6.95 -17.51
C GLY B 280 20.81 -6.65 -16.03
N GLY B 281 19.92 -5.77 -15.61
CA GLY B 281 19.80 -5.42 -14.20
C GLY B 281 18.48 -5.91 -13.63
N VAL B 282 17.51 -5.00 -13.58
CA VAL B 282 16.17 -5.32 -13.09
C VAL B 282 15.45 -6.40 -13.93
N GLY B 283 15.64 -6.36 -15.25
CA GLY B 283 14.86 -7.21 -16.16
C GLY B 283 14.93 -8.70 -15.84
N PRO B 284 16.15 -9.26 -15.74
CA PRO B 284 16.27 -10.70 -15.47
C PRO B 284 15.67 -11.08 -14.11
N MET B 285 15.74 -10.16 -13.15
CA MET B 285 15.25 -10.43 -11.80
C MET B 285 13.73 -10.36 -11.71
N THR B 286 13.10 -9.59 -12.58
CA THR B 286 11.65 -9.62 -12.69
C THR B 286 11.18 -11.00 -13.09
N ILE B 287 11.78 -11.55 -14.14
CA ILE B 287 11.40 -12.86 -14.63
C ILE B 287 11.71 -13.92 -13.57
N THR B 288 12.91 -13.86 -13.01
CA THR B 288 13.28 -14.91 -12.08
C THR B 288 12.43 -14.89 -10.80
N THR B 289 12.05 -13.71 -10.34
CA THR B 289 11.20 -13.59 -9.15
C THR B 289 9.85 -14.28 -9.42
N LEU B 290 9.27 -14.02 -10.58
CA LEU B 290 8.03 -14.67 -10.95
C LEU B 290 8.16 -16.19 -10.89
N ILE B 291 9.21 -16.71 -11.49
CA ILE B 291 9.42 -18.16 -11.53
C ILE B 291 9.69 -18.71 -10.14
N ARG B 292 10.49 -18.00 -9.33
CA ARG B 292 10.74 -18.44 -7.95
C ARG B 292 9.44 -18.53 -7.16
N GLN B 293 8.58 -17.51 -7.27
CA GLN B 293 7.32 -17.53 -6.54
C GLN B 293 6.41 -18.65 -7.04
N THR B 294 6.52 -18.99 -8.33
CA THR B 294 5.76 -20.13 -8.86
C THR B 294 6.28 -21.46 -8.28
N VAL B 295 7.60 -21.60 -8.17
CA VAL B 295 8.16 -22.80 -7.54
C VAL B 295 7.67 -22.90 -6.10
N GLU B 296 7.70 -21.79 -5.37
CA GLU B 296 7.16 -21.77 -3.98
C GLU B 296 5.70 -22.21 -3.94
N ALA B 297 4.90 -21.71 -4.89
CA ALA B 297 3.48 -22.06 -4.90
C ALA B 297 3.28 -23.55 -5.19
N ALA B 298 4.09 -24.08 -6.10
CA ALA B 298 4.02 -25.51 -6.43
C ALA B 298 4.47 -26.38 -5.26
N GLU B 299 5.55 -25.98 -4.59
CA GLU B 299 6.02 -26.71 -3.42
C GLU B 299 4.94 -26.78 -2.35
N LYS B 300 4.23 -25.67 -2.14
CA LYS B 300 3.15 -25.66 -1.15
C LYS B 300 1.99 -26.55 -1.61
N ALA B 301 1.60 -26.42 -2.86
CA ALA B 301 0.40 -27.12 -3.35
C ALA B 301 0.60 -28.62 -3.42
N LEU B 302 1.82 -29.04 -3.76
CA LEU B 302 2.10 -30.48 -3.94
C LEU B 302 2.66 -31.15 -2.67
N GLY B 303 2.75 -30.38 -1.57
CA GLY B 303 3.23 -30.89 -0.28
C GLY B 303 2.10 -31.24 0.68
PA NAP C . 2.35 3.10 16.57
O1A NAP C . 1.57 1.95 15.98
O2A NAP C . 3.51 2.88 17.56
O5B NAP C . 2.87 4.12 15.46
C5B NAP C . 3.82 5.07 15.84
C4B NAP C . 4.53 5.46 14.55
O4B NAP C . 5.32 6.62 14.85
C3B NAP C . 5.49 4.39 14.08
O3B NAP C . 5.53 4.33 12.66
C2B NAP C . 6.82 4.82 14.64
O2B NAP C . 7.99 4.42 13.91
C1B NAP C . 6.68 6.33 14.56
N9A NAP C . 7.65 7.01 15.46
C8A NAP C . 7.62 6.68 16.85
N7A NAP C . 8.70 7.54 17.29
C5A NAP C . 9.23 8.25 16.27
C6A NAP C . 10.26 9.17 16.20
N6A NAP C . 10.93 9.52 17.34
N1A NAP C . 10.53 9.71 14.99
C2A NAP C . 9.84 9.37 13.88
N3A NAP C . 8.85 8.46 13.92
C4A NAP C . 8.55 7.92 15.10
O3 NAP C . 1.30 4.07 17.34
PN NAP C . 1.08 3.99 18.95
O1N NAP C . 2.18 4.84 19.53
O2N NAP C . -0.31 4.58 19.13
O5D NAP C . 1.18 2.53 19.31
P2B NAP C . 8.31 2.86 13.66
O1X NAP C . 7.29 2.34 12.67
O2X NAP C . 8.22 2.15 14.99
O3X NAP C . 9.71 2.98 13.12
CL CL D . -21.70 2.45 23.63
CL CL E . -24.15 12.52 22.29
CL CL F . -1.96 7.31 -6.34
C1 EDO G . -9.11 15.57 20.46
O1 EDO G . -8.17 14.63 19.98
C2 EDO G . -10.47 15.34 19.90
O2 EDO G . -11.56 16.14 20.35
C1 EDO H . -1.13 -3.69 13.77
O1 EDO H . -2.17 -4.02 14.70
C2 EDO H . -1.72 -3.56 12.37
O2 EDO H . -0.87 -4.29 11.43
C1 PEG I . -17.50 -1.27 0.33
O1 PEG I . -16.43 -2.21 0.47
C2 PEG I . -17.08 -0.17 -0.64
O2 PEG I . -17.30 1.11 -0.05
C3 PEG I . -17.00 2.20 -0.93
C4 PEG I . -16.29 3.34 -0.19
O4 PEG I . -15.23 3.88 -1.00
PA NAP J . 2.67 3.64 -15.86
O1A NAP J . 1.66 2.71 -15.27
O2A NAP J . 2.31 4.70 -16.89
O5B NAP J . 3.44 4.38 -14.67
C5B NAP J . 4.33 5.44 -14.96
C4B NAP J . 4.56 6.21 -13.67
O4B NAP J . 5.56 7.20 -13.90
C3B NAP J . 3.29 6.95 -13.22
O3B NAP J . 3.21 6.94 -11.79
C2B NAP J . 3.52 8.36 -13.72
O2B NAP J . 2.87 9.42 -13.00
C1B NAP J . 5.03 8.46 -13.60
N9A NAP J . 5.58 9.53 -14.47
C8A NAP J . 5.25 9.52 -15.88
N7A NAP J . 5.93 10.73 -16.26
C5A NAP J . 6.53 11.33 -15.21
C6A NAP J . 7.29 12.47 -15.07
N6A NAP J . 7.54 13.25 -16.15
N1A NAP J . 7.76 12.80 -13.87
C2A NAP J . 7.53 12.03 -12.79
N3A NAP J . 6.79 10.90 -12.87
C4A NAP J . 6.31 10.55 -14.07
O3 NAP J . 3.87 2.75 -16.49
PN NAP J . 4.08 2.58 -18.10
O1N NAP J . 4.54 3.93 -18.59
O2N NAP J . 5.12 1.50 -18.21
O5D NAP J . 2.71 2.17 -18.62
P2B NAP J . 1.27 9.46 -12.80
O1X NAP J . 0.95 8.34 -11.83
O2X NAP J . 0.65 9.27 -14.16
O3X NAP J . 1.09 10.84 -12.21
CL CL K . 6.89 -0.58 7.08
CL CL L . -5.18 -3.40 -27.88
C1 EDO M . 30.74 6.15 -5.08
O1 EDO M . 31.19 7.52 -5.04
C2 EDO M . 31.04 5.46 -3.75
O2 EDO M . 30.31 6.07 -2.69
C1 EDO N . 16.85 -5.76 -19.40
O1 EDO N . 15.68 -4.99 -19.08
C2 EDO N . 16.59 -7.23 -19.56
O2 EDO N . 17.81 -7.96 -19.51
C1 EDO O . -4.48 -0.17 -10.98
O1 EDO O . -5.33 -0.37 -9.84
C2 EDO O . -4.30 -1.45 -11.78
O2 EDO O . -2.91 -1.76 -11.92
#